data_4J4A
#
_entry.id   4J4A
#
_cell.length_a   41.880
_cell.length_b   78.050
_cell.length_c   114.980
_cell.angle_alpha   90.000
_cell.angle_beta   90.000
_cell.angle_gamma   90.000
#
_symmetry.space_group_name_H-M   'P 21 21 21'
#
loop_
_entity.id
_entity.type
_entity.pdbx_description
1 polymer Cortexillin-1
2 non-polymer 'PHOSPHATE ION'
3 water water
#
_entity_poly.entity_id   1
_entity_poly.type   'polypeptide(L)'
_entity_poly.pdbx_seq_one_letter_code
;GSLELIKLRIMEIEARIAKIEKDRAIL
;
_entity_poly.pdbx_strand_id   A,B,C,D,E,F,G,H,I,J,K,L
#
# COMPACT_ATOMS: atom_id res chain seq x y z
N GLY A 1 -12.73 -1.97 -4.71
CA GLY A 1 -13.93 -1.31 -4.20
C GLY A 1 -14.14 -1.32 -2.69
N SER A 2 -15.41 -1.34 -2.27
CA SER A 2 -15.73 -1.27 -0.86
C SER A 2 -15.14 -2.44 -0.02
N LEU A 3 -15.21 -3.68 -0.52
CA LEU A 3 -14.61 -4.83 0.21
C LEU A 3 -13.10 -4.65 0.40
N GLU A 4 -12.43 -4.20 -0.64
CA GLU A 4 -11.00 -4.03 -0.55
C GLU A 4 -10.65 -2.90 0.40
N LEU A 5 -11.47 -1.84 0.44
CA LEU A 5 -11.18 -0.79 1.42
C LEU A 5 -11.42 -1.20 2.89
N ILE A 6 -12.49 -1.97 3.14
CA ILE A 6 -12.73 -2.54 4.45
C ILE A 6 -11.53 -3.36 4.88
N LYS A 7 -10.99 -4.16 3.97
CA LYS A 7 -9.84 -5.00 4.32
C LYS A 7 -8.63 -4.12 4.68
N LEU A 8 -8.44 -3.04 3.95
CA LEU A 8 -7.30 -2.17 4.24
C LEU A 8 -7.48 -1.53 5.60
N ARG A 9 -8.70 -1.07 5.91
CA ARG A 9 -8.95 -0.40 7.19
C ARG A 9 -8.71 -1.41 8.31
N ILE A 10 -9.14 -2.67 8.09
CA ILE A 10 -8.90 -3.70 9.07
C ILE A 10 -7.42 -3.90 9.27
N MET A 11 -6.65 -3.97 8.18
CA MET A 11 -5.22 -4.19 8.28
C MET A 11 -4.61 -3.05 9.12
N GLU A 12 -5.02 -1.81 8.87
CA GLU A 12 -4.46 -0.62 9.54
C GLU A 12 -4.77 -0.66 11.02
N ILE A 13 -5.94 -1.10 11.36
CA ILE A 13 -6.36 -1.23 12.77
C ILE A 13 -5.59 -2.35 13.48
N GLU A 14 -5.44 -3.44 12.76
CA GLU A 14 -4.68 -4.53 13.34
C GLU A 14 -3.28 -4.07 13.69
N ALA A 15 -2.64 -3.32 12.78
CA ALA A 15 -1.29 -2.81 13.08
C ALA A 15 -1.29 -1.82 14.23
N ARG A 16 -2.33 -1.01 14.30
CA ARG A 16 -2.46 -0.01 15.35
C ARG A 16 -2.52 -0.68 16.72
N ILE A 17 -3.32 -1.73 16.80
CA ILE A 17 -3.50 -2.45 18.04
C ILE A 17 -2.24 -3.21 18.42
N ALA A 18 -1.62 -3.84 17.43
CA ALA A 18 -0.42 -4.61 17.68
C ALA A 18 0.67 -3.73 18.27
N LYS A 19 0.72 -2.48 17.85
CA LYS A 19 1.74 -1.56 18.32
C LYS A 19 1.49 -1.19 19.77
N ILE A 20 0.24 -0.95 20.11
CA ILE A 20 -0.10 -0.61 21.48
C ILE A 20 0.20 -1.78 22.41
N GLU A 21 -0.19 -2.97 21.96
CA GLU A 21 0.08 -4.20 22.74
C GLU A 21 1.58 -4.34 23.01
N LYS A 22 2.39 -4.18 21.99
CA LYS A 22 3.81 -4.33 22.14
C LYS A 22 4.34 -3.26 23.07
N ASP A 23 3.81 -2.06 22.91
CA ASP A 23 4.26 -0.95 23.72
C ASP A 23 3.86 -1.01 25.20
N ARG A 24 2.79 -1.74 25.50
CA ARG A 24 2.36 -1.84 26.91
C ARG A 24 2.88 -3.10 27.61
N ALA A 25 3.76 -3.82 26.94
CA ALA A 25 4.27 -5.09 27.49
C ALA A 25 4.93 -4.94 28.85
N ILE A 26 4.87 -6.01 29.62
CA ILE A 26 5.58 -6.06 30.90
C ILE A 26 7.07 -6.21 30.59
N LEU A 27 7.88 -5.38 31.27
CA LEU A 27 9.28 -5.33 30.88
C LEU A 27 9.98 -6.58 31.35
N LEU B 3 -22.27 -5.02 4.14
CA LEU B 3 -21.06 -4.23 4.27
C LEU B 3 -21.31 -3.03 5.13
N GLU B 4 -22.53 -2.53 5.03
CA GLU B 4 -22.89 -1.36 5.80
C GLU B 4 -22.76 -1.59 7.33
N LEU B 5 -23.11 -2.78 7.78
CA LEU B 5 -23.00 -3.10 9.18
C LEU B 5 -21.53 -3.18 9.55
N ILE B 6 -20.75 -3.74 8.66
CA ILE B 6 -19.33 -3.83 8.87
C ILE B 6 -18.71 -2.44 8.98
N LYS B 7 -19.04 -1.53 8.09
CA LYS B 7 -18.48 -0.21 8.14
C LYS B 7 -18.80 0.42 9.46
N LEU B 8 -19.98 0.10 9.95
CA LEU B 8 -20.43 0.55 11.24
C LEU B 8 -19.58 0.06 12.40
N ARG B 9 -19.28 -1.23 12.42
CA ARG B 9 -18.42 -1.74 13.46
C ARG B 9 -17.08 -1.05 13.38
N ILE B 10 -16.59 -0.84 12.18
CA ILE B 10 -15.27 -0.26 12.01
C ILE B 10 -15.18 1.15 12.61
N MET B 11 -16.19 1.95 12.32
CA MET B 11 -16.26 3.26 12.93
C MET B 11 -16.29 3.19 14.45
N GLU B 12 -17.03 2.24 14.99
CA GLU B 12 -17.11 2.11 16.44
C GLU B 12 -15.80 1.59 17.05
N ILE B 13 -15.13 0.72 16.31
CA ILE B 13 -13.82 0.24 16.70
C ILE B 13 -12.82 1.40 16.76
N GLU B 14 -12.81 2.25 15.73
CA GLU B 14 -11.84 3.35 15.70
C GLU B 14 -12.14 4.29 16.86
N ALA B 15 -13.42 4.45 17.21
CA ALA B 15 -13.79 5.32 18.32
C ALA B 15 -13.26 4.75 19.64
N ARG B 16 -13.30 3.43 19.82
CA ARG B 16 -12.73 2.85 21.06
C ARG B 16 -11.22 3.03 21.09
N ILE B 17 -10.58 2.91 19.94
CA ILE B 17 -9.14 3.13 19.90
C ILE B 17 -8.78 4.58 20.23
N ALA B 18 -9.54 5.52 19.69
CA ALA B 18 -9.29 6.93 19.99
C ALA B 18 -9.43 7.24 21.48
N LYS B 19 -10.35 6.57 22.14
CA LYS B 19 -10.52 6.76 23.57
C LYS B 19 -9.31 6.23 24.32
N ILE B 20 -8.81 5.08 23.89
CA ILE B 20 -7.61 4.53 24.48
C ILE B 20 -6.46 5.49 24.29
N GLU B 21 -6.33 6.00 23.08
CA GLU B 21 -5.22 6.84 22.73
C GLU B 21 -5.28 8.14 23.52
N LYS B 22 -6.47 8.50 23.95
CA LYS B 22 -6.67 9.71 24.71
C LYS B 22 -6.42 9.48 26.19
N ASP B 23 -6.84 8.34 26.70
CA ASP B 23 -6.86 8.09 28.13
C ASP B 23 -5.67 7.35 28.74
N ARG B 24 -4.93 6.62 27.94
CA ARG B 24 -3.82 5.86 28.47
C ARG B 24 -2.54 6.68 28.35
N ALA B 25 -1.62 6.49 29.29
CA ALA B 25 -0.30 7.11 29.17
C ALA B 25 0.64 6.26 28.33
N ILE B 26 0.55 4.95 28.49
CA ILE B 26 1.48 4.08 27.80
C ILE B 26 0.87 3.57 26.52
N LEU B 27 1.40 4.02 25.38
CA LEU B 27 0.89 3.61 24.07
C LEU B 27 2.02 3.25 23.11
N LEU C 3 -17.92 -12.56 3.63
CA LEU C 3 -17.67 -11.62 4.72
C LEU C 3 -17.17 -12.33 5.95
N GLU C 4 -17.01 -13.63 5.85
CA GLU C 4 -16.79 -14.41 7.04
C GLU C 4 -15.45 -14.14 7.75
N LEU C 5 -14.36 -14.12 6.99
CA LEU C 5 -13.04 -13.80 7.54
C LEU C 5 -13.03 -12.34 8.04
N ILE C 6 -13.66 -11.42 7.32
CA ILE C 6 -13.76 -10.04 7.81
C ILE C 6 -14.47 -10.00 9.16
N LYS C 7 -15.56 -10.74 9.30
CA LYS C 7 -16.26 -10.71 10.57
C LYS C 7 -15.38 -11.30 11.70
N LEU C 8 -14.70 -12.40 11.40
CA LEU C 8 -13.78 -12.95 12.38
C LEU C 8 -12.71 -11.92 12.79
N ARG C 9 -12.14 -11.24 11.80
CA ARG C 9 -11.08 -10.28 12.12
C ARG C 9 -11.62 -9.15 12.96
N ILE C 10 -12.86 -8.76 12.69
CA ILE C 10 -13.47 -7.73 13.53
C ILE C 10 -13.67 -8.23 14.97
N MET C 11 -14.14 -9.48 15.16
CA MET C 11 -14.31 -10.01 16.52
C MET C 11 -12.97 -10.05 17.28
N GLU C 12 -11.91 -10.43 16.57
CA GLU C 12 -10.56 -10.51 17.15
C GLU C 12 -10.05 -9.12 17.54
N ILE C 13 -10.16 -8.18 16.72
CA ILE C 13 -9.95 -6.78 17.06
C ILE C 13 -10.73 -6.35 18.31
N GLU C 14 -11.97 -6.60 18.34
CA GLU C 14 -12.77 -6.14 19.47
C GLU C 14 -12.30 -6.79 20.76
N ALA C 15 -11.90 -8.06 20.69
CA ALA C 15 -11.44 -8.75 21.88
C ALA C 15 -10.12 -8.16 22.34
N ARG C 16 -9.28 -7.76 21.37
CA ARG C 16 -7.94 -7.26 21.70
C ARG C 16 -8.09 -5.88 22.27
N ILE C 17 -9.07 -5.14 21.75
CA ILE C 17 -9.33 -3.82 22.26
C ILE C 17 -9.88 -3.97 23.67
N ALA C 18 -10.75 -4.97 23.92
CA ALA C 18 -11.24 -5.20 25.30
C ALA C 18 -10.11 -5.48 26.28
N LYS C 19 -9.11 -6.26 25.86
CA LYS C 19 -7.97 -6.50 26.71
C LYS C 19 -7.18 -5.24 27.02
N ILE C 20 -7.07 -4.32 26.07
CA ILE C 20 -6.38 -3.05 26.36
C ILE C 20 -7.19 -2.19 27.31
N GLU C 21 -8.49 -2.12 27.08
CA GLU C 21 -9.38 -1.32 27.91
C GLU C 21 -9.35 -1.81 29.35
N LYS C 22 -9.24 -3.14 29.54
CA LYS C 22 -9.18 -3.70 30.87
C LYS C 22 -7.75 -3.94 31.37
N ASP C 23 -6.75 -3.46 30.63
CA ASP C 23 -5.35 -3.66 31.03
C ASP C 23 -5.06 -2.95 32.34
N ARG C 24 -4.01 -3.44 32.99
CA ARG C 24 -3.45 -2.87 34.19
C ARG C 24 -3.14 -1.40 33.96
N ALA C 25 -3.16 -0.62 35.02
CA ALA C 25 -2.66 0.73 34.95
C ALA C 25 -1.17 0.63 35.22
N ILE C 26 -0.37 1.03 34.24
CA ILE C 26 1.07 0.91 34.34
C ILE C 26 1.63 2.11 35.07
N LEU C 27 1.20 3.27 34.60
CA LEU C 27 1.64 4.60 35.01
C LEU C 27 2.95 5.13 34.39
N GLY D 1 -6.39 -1.09 -6.46
CA GLY D 1 -5.06 -0.93 -5.88
C GLY D 1 -4.93 0.33 -5.04
N SER D 2 -3.70 0.72 -4.71
CA SER D 2 -3.51 1.77 -3.71
C SER D 2 -4.11 3.08 -4.14
N LEU D 3 -3.94 3.48 -5.41
CA LEU D 3 -4.50 4.76 -5.80
C LEU D 3 -6.02 4.73 -5.85
N GLU D 4 -6.58 3.59 -6.21
CA GLU D 4 -8.03 3.53 -6.33
C GLU D 4 -8.60 3.58 -4.92
N LEU D 5 -7.91 2.95 -3.97
CA LEU D 5 -8.35 2.98 -2.57
C LEU D 5 -8.28 4.38 -1.98
N ILE D 6 -7.28 5.14 -2.36
CA ILE D 6 -7.16 6.52 -1.87
C ILE D 6 -8.34 7.31 -2.42
N LYS D 7 -8.68 7.09 -3.69
CA LYS D 7 -9.85 7.81 -4.23
C LYS D 7 -11.11 7.45 -3.50
N LEU D 8 -11.31 6.17 -3.21
CA LEU D 8 -12.52 5.77 -2.51
C LEU D 8 -12.55 6.36 -1.11
N ARG D 9 -11.40 6.41 -0.44
CA ARG D 9 -11.36 6.96 0.89
C ARG D 9 -11.72 8.44 0.87
N ILE D 10 -11.29 9.13 -0.17
CA ILE D 10 -11.60 10.54 -0.30
C ILE D 10 -13.10 10.69 -0.51
N MET D 11 -13.66 9.83 -1.34
CA MET D 11 -15.10 9.93 -1.55
C MET D 11 -15.87 9.76 -0.23
N GLU D 12 -15.43 8.82 0.60
CA GLU D 12 -16.13 8.52 1.87
C GLU D 12 -15.94 9.68 2.88
N ILE D 13 -14.76 10.27 2.86
CA ILE D 13 -14.53 11.48 3.64
C ILE D 13 -15.47 12.61 3.19
N GLU D 14 -15.56 12.79 1.89
CA GLU D 14 -16.43 13.87 1.33
C GLU D 14 -17.87 13.74 1.77
N ALA D 15 -18.37 12.52 1.80
CA ALA D 15 -19.74 12.26 2.23
C ALA D 15 -19.90 12.57 3.74
N ARG D 16 -18.98 12.26 4.54
CA ARG D 16 -19.03 12.48 5.99
C ARG D 16 -18.95 13.95 6.27
N ILE D 17 -18.21 14.68 5.46
CA ILE D 17 -18.13 16.12 5.66
C ILE D 17 -19.42 16.79 5.19
N ALA D 18 -19.99 16.28 4.11
CA ALA D 18 -21.24 16.82 3.62
C ALA D 18 -22.31 16.68 4.67
N LYS D 19 -22.26 15.56 5.38
CA LYS D 19 -23.22 15.24 6.42
C LYS D 19 -23.08 16.21 7.60
N ILE D 20 -21.85 16.46 8.01
CA ILE D 20 -21.58 17.41 9.06
C ILE D 20 -22.06 18.79 8.64
N GLU D 21 -21.77 19.17 7.42
CA GLU D 21 -22.17 20.47 6.92
C GLU D 21 -23.69 20.65 6.89
N LYS D 22 -24.39 19.62 6.49
CA LYS D 22 -25.82 19.63 6.45
C LYS D 22 -26.38 19.82 7.85
N ASP D 23 -25.86 19.11 8.80
CA ASP D 23 -26.34 19.18 10.17
C ASP D 23 -26.04 20.56 10.79
N ARG D 24 -24.88 21.07 10.51
CA ARG D 24 -24.52 22.39 10.99
C ARG D 24 -25.40 23.48 10.37
N ALA D 25 -25.84 23.28 9.15
CA ALA D 25 -26.71 24.25 8.52
C ALA D 25 -28.17 24.04 8.86
N ILE D 26 -28.45 23.03 9.63
CA ILE D 26 -29.80 22.66 10.02
C ILE D 26 -30.66 22.44 8.79
N LEU D 27 -30.08 21.69 7.85
CA LEU D 27 -30.79 21.38 6.63
C LEU D 27 -31.18 19.93 6.68
N GLY E 1 7.54 10.58 0.83
CA GLY E 1 7.37 11.30 -0.42
C GLY E 1 5.91 11.60 -0.66
N SER E 2 5.55 11.99 -1.88
CA SER E 2 4.19 12.51 -2.14
C SER E 2 3.11 11.47 -1.83
N LEU E 3 3.28 10.21 -2.29
CA LEU E 3 2.22 9.24 -2.07
C LEU E 3 2.08 8.94 -0.58
N GLU E 4 3.20 8.89 0.11
CA GLU E 4 3.15 8.59 1.52
C GLU E 4 2.54 9.74 2.31
N LEU E 5 2.84 10.97 1.90
CA LEU E 5 2.28 12.14 2.59
C LEU E 5 0.73 12.13 2.39
N ILE E 6 0.29 11.83 1.17
CA ILE E 6 -1.14 11.72 0.87
C ILE E 6 -1.78 10.66 1.76
N LYS E 7 -1.19 9.49 1.86
CA LYS E 7 -1.81 8.46 2.68
C LYS E 7 -1.93 8.86 4.14
N LEU E 8 -0.89 9.51 4.66
CA LEU E 8 -0.90 9.93 6.04
C LEU E 8 -1.94 11.01 6.27
N ARG E 9 -2.03 11.94 5.32
CA ARG E 9 -2.97 13.03 5.44
C ARG E 9 -4.40 12.51 5.45
N ILE E 10 -4.67 11.51 4.62
CA ILE E 10 -6.03 10.92 4.63
C ILE E 10 -6.34 10.32 6.03
N MET E 11 -5.40 9.63 6.64
CA MET E 11 -5.65 9.08 7.96
C MET E 11 -5.85 10.18 8.96
N GLU E 12 -5.10 11.27 8.80
CA GLU E 12 -5.23 12.37 9.76
C GLU E 12 -6.58 13.07 9.64
N ILE E 13 -7.03 13.22 8.39
CA ILE E 13 -8.33 13.81 8.09
C ILE E 13 -9.42 12.92 8.68
N GLU E 14 -9.30 11.63 8.52
CA GLU E 14 -10.28 10.74 9.07
C GLU E 14 -10.41 10.92 10.59
N ALA E 15 -9.30 11.14 11.26
CA ALA E 15 -9.32 11.26 12.70
C ALA E 15 -9.91 12.58 13.13
N ARG E 16 -9.60 13.62 12.39
CA ARG E 16 -10.16 14.91 12.67
C ARG E 16 -11.67 14.91 12.53
N ILE E 17 -12.16 14.32 11.46
CA ILE E 17 -13.59 14.20 11.28
C ILE E 17 -14.22 13.42 12.43
N ALA E 18 -13.56 12.36 12.86
CA ALA E 18 -14.11 11.57 13.95
C ALA E 18 -14.27 12.42 15.18
N LYS E 19 -13.30 13.29 15.43
CA LYS E 19 -13.33 14.14 16.60
C LYS E 19 -14.51 15.10 16.49
N ILE E 20 -14.69 15.67 15.31
CA ILE E 20 -15.81 16.56 15.10
C ILE E 20 -17.12 15.80 15.33
N GLU E 21 -17.22 14.61 14.74
CA GLU E 21 -18.45 13.85 14.85
C GLU E 21 -18.77 13.54 16.30
N LYS E 22 -17.72 13.26 17.08
CA LYS E 22 -17.87 12.93 18.48
C LYS E 22 -18.32 14.13 19.30
N ASP E 23 -17.64 15.25 19.09
CA ASP E 23 -17.94 16.46 19.83
C ASP E 23 -19.38 16.88 19.57
N ARG E 24 -19.83 16.70 18.35
CA ARG E 24 -21.17 17.10 17.97
C ARG E 24 -22.22 16.04 18.29
N GLY F 1 -4.42 15.73 -14.03
CA GLY F 1 -4.30 14.29 -14.03
C GLY F 1 -4.77 13.69 -12.70
N SER F 2 -4.67 12.37 -12.59
CA SER F 2 -5.24 11.68 -11.44
C SER F 2 -4.59 12.15 -10.14
N LEU F 3 -3.28 12.32 -10.14
CA LEU F 3 -2.61 12.72 -8.90
C LEU F 3 -2.95 14.10 -8.47
N GLU F 4 -3.05 15.00 -9.47
CA GLU F 4 -3.37 16.38 -9.12
C GLU F 4 -4.79 16.49 -8.59
N LEU F 5 -5.70 15.69 -9.13
CA LEU F 5 -7.08 15.75 -8.71
C LEU F 5 -7.19 15.18 -7.29
N ILE F 6 -6.41 14.14 -6.97
CA ILE F 6 -6.40 13.59 -5.61
C ILE F 6 -5.92 14.68 -4.65
N LYS F 7 -4.82 15.36 -5.03
CA LYS F 7 -4.27 16.38 -4.15
C LYS F 7 -5.24 17.52 -3.98
N LEU F 8 -5.88 17.88 -5.08
CA LEU F 8 -6.84 19.01 -5.03
C LEU F 8 -8.01 18.65 -4.13
N ARG F 9 -8.52 17.43 -4.26
CA ARG F 9 -9.67 17.04 -3.46
C ARG F 9 -9.29 17.03 -2.01
N ILE F 10 -8.08 16.56 -1.71
CA ILE F 10 -7.68 16.55 -0.28
C ILE F 10 -7.54 17.97 0.25
N MET F 11 -6.95 18.88 -0.54
CA MET F 11 -6.83 20.26 -0.07
C MET F 11 -8.20 20.93 0.14
N GLU F 12 -9.17 20.57 -0.71
CA GLU F 12 -10.51 21.18 -0.55
C GLU F 12 -11.17 20.64 0.71
N ILE F 13 -10.98 19.36 0.96
CA ILE F 13 -11.42 18.73 2.19
C ILE F 13 -10.83 19.47 3.39
N GLU F 14 -9.54 19.76 3.35
CA GLU F 14 -8.89 20.38 4.48
C GLU F 14 -9.47 21.76 4.73
N ALA F 15 -9.68 22.50 3.65
CA ALA F 15 -10.30 23.81 3.75
C ALA F 15 -11.66 23.69 4.40
N ARG F 16 -12.41 22.66 4.05
CA ARG F 16 -13.77 22.51 4.56
C ARG F 16 -13.74 22.17 6.05
N ILE F 17 -12.77 21.34 6.44
CA ILE F 17 -12.66 20.95 7.84
C ILE F 17 -12.21 22.19 8.64
N ALA F 18 -11.30 22.98 8.07
CA ALA F 18 -10.85 24.17 8.78
C ALA F 18 -12.01 25.12 9.02
N LYS F 19 -12.88 25.29 8.04
CA LYS F 19 -14.01 26.18 8.23
C LYS F 19 -14.92 25.69 9.36
N ILE F 20 -15.18 24.38 9.40
CA ILE F 20 -15.99 23.81 10.46
C ILE F 20 -15.32 24.01 11.81
N GLU F 21 -14.03 23.78 11.90
CA GLU F 21 -13.34 23.84 13.16
C GLU F 21 -13.28 25.28 13.63
N LYS F 22 -13.24 26.21 12.70
CA LYS F 22 -13.22 27.61 13.05
C LYS F 22 -14.49 28.00 13.81
N ASP F 23 -15.63 27.50 13.39
CA ASP F 23 -16.91 27.93 13.91
C ASP F 23 -17.30 27.45 15.33
N LEU G 5 -7.15 -18.32 -2.42
CA LEU G 5 -6.16 -19.30 -1.96
C LEU G 5 -4.72 -18.98 -2.37
N ILE G 6 -4.46 -18.75 -3.66
CA ILE G 6 -3.12 -18.40 -4.15
C ILE G 6 -2.57 -17.13 -3.46
N LYS G 7 -3.44 -16.21 -3.14
CA LYS G 7 -3.07 -15.02 -2.38
C LYS G 7 -2.61 -15.35 -0.96
N LEU G 8 -3.41 -16.16 -0.26
CA LEU G 8 -3.02 -16.60 1.06
C LEU G 8 -1.64 -17.23 0.98
N ARG G 9 -1.41 -18.00 -0.05
CA ARG G 9 -0.12 -18.63 -0.25
C ARG G 9 0.98 -17.64 -0.36
N ILE G 10 0.77 -16.58 -1.13
CA ILE G 10 1.83 -15.64 -1.41
C ILE G 10 2.14 -14.88 -0.13
N MET G 11 1.12 -14.64 0.64
CA MET G 11 1.25 -13.94 1.89
C MET G 11 2.20 -14.65 2.83
N GLU G 12 1.98 -15.95 2.97
CA GLU G 12 2.86 -16.77 3.78
C GLU G 12 4.28 -16.63 3.30
N ILE G 13 4.47 -16.58 2.00
CA ILE G 13 5.81 -16.39 1.46
C ILE G 13 6.43 -15.03 1.81
N GLU G 14 5.61 -14.01 1.77
CA GLU G 14 6.10 -12.67 1.99
C GLU G 14 6.56 -12.55 3.44
N ALA G 15 5.81 -13.14 4.34
CA ALA G 15 6.19 -13.13 5.74
C ALA G 15 7.54 -13.75 5.90
N ARG G 16 7.77 -14.86 5.23
CA ARG G 16 9.01 -15.59 5.43
C ARG G 16 10.22 -14.82 5.00
N ILE G 17 10.11 -14.14 3.86
CA ILE G 17 11.19 -13.34 3.33
C ILE G 17 11.47 -12.13 4.21
N ALA G 18 10.42 -11.53 4.70
CA ALA G 18 10.55 -10.38 5.59
C ALA G 18 11.36 -10.74 6.81
N LYS G 19 11.13 -11.92 7.34
CA LYS G 19 11.82 -12.36 8.54
C LYS G 19 13.27 -12.59 8.26
N ILE G 20 13.60 -13.17 7.13
CA ILE G 20 14.97 -13.33 6.76
C ILE G 20 15.65 -11.99 6.59
N GLU G 21 15.00 -11.07 5.94
CA GLU G 21 15.61 -9.78 5.68
C GLU G 21 15.84 -9.06 7.01
N LYS G 22 14.87 -9.18 7.90
CA LYS G 22 14.97 -8.57 9.22
C LYS G 22 16.18 -9.08 9.99
N ASP G 23 16.34 -10.39 9.99
CA ASP G 23 17.38 -11.04 10.78
C ASP G 23 18.76 -10.94 10.13
N ARG G 24 18.82 -10.43 8.91
CA ARG G 24 20.12 -10.23 8.27
C ARG G 24 20.53 -8.76 8.24
N ALA G 25 19.80 -7.92 8.97
CA ALA G 25 20.05 -6.51 8.96
C ALA G 25 21.45 -6.20 9.47
N ILE G 26 22.01 -5.10 9.06
CA ILE G 26 23.31 -4.70 9.65
C ILE G 26 23.12 -4.23 11.11
N LEU G 27 24.03 -4.64 11.97
CA LEU G 27 23.96 -4.28 13.39
C LEU G 27 24.22 -2.80 13.58
N SER H 2 -1.20 -18.11 -17.68
CA SER H 2 -0.81 -17.20 -16.60
C SER H 2 -0.97 -17.89 -15.27
N LEU H 3 -2.15 -18.44 -15.04
CA LEU H 3 -2.47 -19.04 -13.79
C LEU H 3 -1.59 -20.22 -13.52
N GLU H 4 -1.45 -21.07 -14.51
CA GLU H 4 -0.64 -22.24 -14.35
C GLU H 4 0.82 -21.88 -14.17
N LEU H 5 1.21 -20.84 -14.86
CA LEU H 5 2.56 -20.43 -14.82
C LEU H 5 2.82 -19.82 -13.47
N ILE H 6 1.84 -19.10 -12.97
CA ILE H 6 1.96 -18.48 -11.68
C ILE H 6 2.15 -19.56 -10.61
N LYS H 7 1.30 -20.56 -10.65
CA LYS H 7 1.37 -21.68 -9.74
C LYS H 7 2.72 -22.31 -9.75
N LEU H 8 3.28 -22.46 -10.92
CA LEU H 8 4.59 -23.01 -11.05
C LEU H 8 5.58 -22.20 -10.32
N ARG H 9 5.54 -20.90 -10.58
CA ARG H 9 6.52 -20.01 -10.00
C ARG H 9 6.37 -19.96 -8.50
N ILE H 10 5.15 -20.07 -7.98
CA ILE H 10 4.95 -20.11 -6.54
C ILE H 10 5.58 -21.37 -5.95
N MET H 11 5.41 -22.51 -6.61
CA MET H 11 6.09 -23.72 -6.20
C MET H 11 7.59 -23.51 -6.17
N GLU H 12 8.13 -22.92 -7.23
CA GLU H 12 9.56 -22.72 -7.32
C GLU H 12 10.04 -21.79 -6.24
N ILE H 13 9.24 -20.80 -5.93
CA ILE H 13 9.62 -19.85 -4.88
C ILE H 13 9.67 -20.56 -3.54
N GLU H 14 8.69 -21.37 -3.24
CA GLU H 14 8.64 -22.02 -1.95
C GLU H 14 9.88 -22.90 -1.73
N ALA H 15 10.34 -23.55 -2.79
CA ALA H 15 11.52 -24.39 -2.71
C ALA H 15 12.79 -23.57 -2.43
N ARG H 16 12.86 -22.41 -3.06
CA ARG H 16 14.00 -21.52 -2.93
C ARG H 16 14.12 -20.92 -1.53
N ILE H 17 12.99 -20.58 -0.93
CA ILE H 17 12.99 -20.05 0.43
C ILE H 17 13.32 -21.14 1.43
N ALA H 18 12.78 -22.33 1.21
CA ALA H 18 13.06 -23.45 2.10
C ALA H 18 14.55 -23.69 2.20
N LYS H 19 15.25 -23.59 1.08
CA LYS H 19 16.68 -23.86 1.06
C LYS H 19 17.43 -22.81 1.85
N ILE H 20 16.96 -21.57 1.75
CA ILE H 20 17.61 -20.50 2.46
C ILE H 20 17.41 -20.69 3.96
N GLU H 21 16.18 -21.02 4.36
CA GLU H 21 15.84 -21.17 5.78
C GLU H 21 16.55 -22.35 6.40
N LYS H 22 16.63 -23.45 5.68
CA LYS H 22 17.27 -24.65 6.18
C LYS H 22 18.72 -24.35 6.44
N ASP H 23 19.33 -23.66 5.50
CA ASP H 23 20.74 -23.32 5.58
C ASP H 23 20.98 -22.19 6.55
N LEU I 3 -5.16 -10.43 -11.15
CA LEU I 3 -3.96 -11.15 -11.55
C LEU I 3 -2.69 -10.28 -11.63
N GLU I 4 -2.87 -9.01 -11.88
CA GLU I 4 -1.76 -8.11 -12.08
C GLU I 4 -0.96 -7.88 -10.84
N LEU I 5 -1.64 -7.76 -9.72
CA LEU I 5 -0.98 -7.64 -8.42
C LEU I 5 -0.21 -8.89 -8.04
N ILE I 6 -0.75 -10.04 -8.37
CA ILE I 6 -0.07 -11.28 -8.12
C ILE I 6 1.23 -11.31 -8.91
N LYS I 7 1.17 -10.89 -10.15
CA LYS I 7 2.36 -10.92 -10.97
C LYS I 7 3.43 -9.97 -10.44
N LEU I 8 3.01 -8.81 -9.98
CA LEU I 8 3.95 -7.87 -9.39
C LEU I 8 4.56 -8.47 -8.12
N ARG I 9 3.73 -9.08 -7.30
CA ARG I 9 4.19 -9.63 -6.04
C ARG I 9 5.23 -10.71 -6.29
N ILE I 10 4.95 -11.56 -7.27
CA ILE I 10 5.92 -12.59 -7.66
C ILE I 10 7.24 -11.99 -8.14
N MET I 11 7.18 -10.96 -8.97
CA MET I 11 8.41 -10.35 -9.45
C MET I 11 9.19 -9.69 -8.32
N GLU I 12 8.48 -9.09 -7.38
CA GLU I 12 9.12 -8.46 -6.24
C GLU I 12 9.75 -9.53 -5.38
N ILE I 13 9.02 -10.61 -5.18
CA ILE I 13 9.51 -11.69 -4.34
C ILE I 13 10.77 -12.30 -4.96
N GLU I 14 10.76 -12.47 -6.27
CA GLU I 14 11.91 -13.04 -6.96
C GLU I 14 13.12 -12.10 -6.85
N ALA I 15 12.91 -10.80 -6.90
CA ALA I 15 14.03 -9.89 -6.76
C ALA I 15 14.58 -9.96 -5.34
N ARG I 16 13.69 -10.06 -4.35
CA ARG I 16 14.15 -10.10 -2.96
C ARG I 16 14.96 -11.35 -2.65
N ILE I 17 14.53 -12.47 -3.25
CA ILE I 17 15.21 -13.73 -3.05
C ILE I 17 16.55 -13.67 -3.74
N ALA I 18 16.60 -13.04 -4.92
CA ALA I 18 17.86 -12.96 -5.65
C ALA I 18 18.88 -12.18 -4.87
N LYS I 19 18.43 -11.06 -4.28
CA LYS I 19 19.30 -10.27 -3.44
C LYS I 19 19.80 -11.12 -2.30
N ILE I 20 18.89 -11.86 -1.67
CA ILE I 20 19.31 -12.67 -0.50
C ILE I 20 20.31 -13.69 -0.92
N GLU I 21 19.97 -14.42 -1.97
CA GLU I 21 20.84 -15.46 -2.47
C GLU I 21 22.20 -14.89 -2.80
N LYS I 22 22.20 -13.77 -3.50
CA LYS I 22 23.44 -13.17 -3.92
C LYS I 22 24.30 -12.59 -2.80
N ASP I 23 23.68 -12.07 -1.74
CA ASP I 23 24.45 -11.47 -0.67
C ASP I 23 25.03 -12.55 0.21
N ARG I 24 24.26 -13.62 0.40
CA ARG I 24 24.76 -14.80 1.08
C ARG I 24 25.76 -15.49 0.16
N GLY J 1 -0.95 15.07 -16.40
CA GLY J 1 -0.47 15.22 -15.03
C GLY J 1 0.71 14.32 -14.79
N SER J 2 1.20 14.30 -13.56
CA SER J 2 2.43 13.60 -13.19
C SER J 2 2.33 12.11 -13.46
N LEU J 3 1.25 11.36 -13.03
CA LEU J 3 1.09 9.92 -13.34
C LEU J 3 0.97 9.73 -14.82
N GLU J 4 0.35 10.66 -15.48
CA GLU J 4 0.18 10.46 -16.93
C GLU J 4 1.52 10.54 -17.68
N LEU J 5 2.38 11.45 -17.24
CA LEU J 5 3.75 11.57 -17.80
C LEU J 5 4.54 10.27 -17.52
N ILE J 6 4.35 9.71 -16.31
CA ILE J 6 5.07 8.50 -15.95
C ILE J 6 4.63 7.38 -16.89
N LYS J 7 3.33 7.28 -17.10
CA LYS J 7 2.81 6.24 -17.97
C LYS J 7 3.28 6.45 -19.44
N LEU J 8 3.26 7.68 -19.92
CA LEU J 8 3.83 7.98 -21.25
C LEU J 8 5.30 7.56 -21.37
N ARG J 9 6.11 7.88 -20.36
CA ARG J 9 7.54 7.55 -20.35
C ARG J 9 7.73 6.03 -20.44
N ILE J 10 6.90 5.28 -19.71
CA ILE J 10 7.00 3.83 -19.75
C ILE J 10 6.61 3.28 -21.08
N MET J 11 5.54 3.82 -21.66
CA MET J 11 5.13 3.35 -22.96
C MET J 11 6.21 3.71 -24.00
N GLU J 12 6.87 4.85 -23.83
CA GLU J 12 7.93 5.25 -24.74
C GLU J 12 9.06 4.23 -24.69
N ILE J 13 9.46 3.89 -23.48
CA ILE J 13 10.53 2.93 -23.28
C ILE J 13 10.17 1.58 -23.89
N GLU J 14 8.94 1.15 -23.68
CA GLU J 14 8.49 -0.12 -24.18
C GLU J 14 8.52 -0.17 -25.70
N ALA J 15 8.21 0.94 -26.33
CA ALA J 15 8.27 1.02 -27.78
C ALA J 15 9.73 0.94 -28.23
N ARG J 16 10.60 1.64 -27.52
CA ARG J 16 12.01 1.65 -27.87
C ARG J 16 12.62 0.26 -27.70
N ILE J 17 12.20 -0.44 -26.66
CA ILE J 17 12.66 -1.81 -26.42
C ILE J 17 12.18 -2.69 -27.56
N ALA J 18 10.97 -2.45 -28.04
CA ALA J 18 10.45 -3.28 -29.13
C ALA J 18 11.28 -3.08 -30.38
N LYS J 19 11.61 -1.82 -30.64
CA LYS J 19 12.37 -1.48 -31.85
C LYS J 19 13.79 -2.06 -31.78
N ILE J 20 14.39 -2.07 -30.59
CA ILE J 20 15.67 -2.75 -30.40
C ILE J 20 15.53 -4.25 -30.66
N GLU J 21 14.55 -4.89 -30.02
CA GLU J 21 14.43 -6.34 -30.09
C GLU J 21 14.14 -6.83 -31.52
N LYS J 22 13.56 -5.97 -32.35
CA LYS J 22 13.16 -6.43 -33.68
C LYS J 22 14.01 -5.86 -34.80
N ASP J 23 14.92 -4.96 -34.44
CA ASP J 23 15.96 -4.42 -35.33
C ASP J 23 16.66 -5.50 -36.16
N ARG J 24 16.72 -5.35 -37.49
CA ARG J 24 17.59 -6.20 -38.31
C ARG J 24 18.87 -5.43 -38.52
N ALA J 25 19.96 -5.86 -37.86
CA ALA J 25 21.20 -5.11 -37.88
C ALA J 25 21.67 -5.15 -39.31
N ILE J 26 22.35 -4.10 -39.74
CA ILE J 26 22.95 -4.15 -41.08
C ILE J 26 24.31 -4.80 -40.97
N LEU J 27 24.43 -5.98 -41.57
CA LEU J 27 25.69 -6.74 -41.58
C LEU J 27 26.72 -6.10 -42.45
N GLY K 1 10.15 8.65 -1.77
CA GLY K 1 9.08 7.67 -1.61
C GLY K 1 8.78 6.94 -2.89
N SER K 2 7.64 6.26 -2.93
CA SER K 2 7.33 5.40 -4.05
C SER K 2 7.27 6.13 -5.39
N LEU K 3 6.57 7.28 -5.42
CA LEU K 3 6.43 7.98 -6.71
C LEU K 3 7.75 8.60 -7.15
N GLU K 4 8.54 9.09 -6.20
CA GLU K 4 9.86 9.61 -6.54
C GLU K 4 10.84 8.56 -7.03
N LEU K 5 10.79 7.38 -6.41
CA LEU K 5 11.59 6.25 -6.87
C LEU K 5 11.18 5.81 -8.28
N ILE K 6 9.89 5.79 -8.53
CA ILE K 6 9.40 5.43 -9.85
C ILE K 6 9.95 6.38 -10.91
N LYS K 7 9.89 7.68 -10.63
CA LYS K 7 10.36 8.66 -11.59
C LYS K 7 11.86 8.54 -11.83
N LEU K 8 12.62 8.37 -10.77
CA LEU K 8 14.07 8.25 -10.89
C LEU K 8 14.44 7.01 -11.69
N ARG K 9 13.79 5.89 -11.37
CA ARG K 9 14.08 4.64 -12.02
C ARG K 9 13.82 4.71 -13.51
N ILE K 10 12.72 5.36 -13.88
CA ILE K 10 12.39 5.54 -15.28
C ILE K 10 13.49 6.34 -15.97
N MET K 11 13.98 7.24 -15.31
CA MET K 11 14.95 8.12 -15.93
C MET K 11 16.27 7.38 -16.14
N GLU K 12 16.61 6.65 -15.17
CA GLU K 12 17.84 5.87 -15.27
C GLU K 12 17.72 4.78 -16.32
N ILE K 13 16.53 4.21 -16.44
CA ILE K 13 16.26 3.24 -17.48
C ILE K 13 16.39 3.90 -18.86
N GLU K 14 15.80 5.08 -19.00
CA GLU K 14 15.88 5.80 -20.26
C GLU K 14 17.34 5.98 -20.66
N ALA K 15 18.19 6.32 -19.70
CA ALA K 15 19.60 6.49 -19.99
C ALA K 15 20.23 5.21 -20.52
N ARG K 16 19.86 4.08 -19.95
CA ARG K 16 20.41 2.80 -20.38
C ARG K 16 19.94 2.42 -21.78
N ILE K 17 18.67 2.64 -22.06
CA ILE K 17 18.13 2.40 -23.40
C ILE K 17 18.89 3.27 -24.42
N ALA K 18 19.22 4.50 -24.01
CA ALA K 18 19.95 5.38 -24.95
C ALA K 18 21.29 4.77 -25.28
N LYS K 19 21.93 4.19 -24.29
CA LYS K 19 23.26 3.64 -24.48
C LYS K 19 23.13 2.43 -25.40
N ILE K 20 22.03 1.69 -25.27
CA ILE K 20 21.85 0.48 -26.09
C ILE K 20 21.58 0.82 -27.55
N GLU K 21 20.73 1.80 -27.81
CA GLU K 21 20.47 2.24 -29.18
C GLU K 21 21.72 2.76 -29.83
N LYS K 22 22.56 3.42 -29.04
CA LYS K 22 23.78 3.97 -29.60
C LYS K 22 24.77 2.85 -29.91
N ASP K 23 24.94 1.94 -28.98
CA ASP K 23 25.85 0.82 -29.19
C ASP K 23 25.47 0.00 -30.41
N ARG K 24 24.18 -0.06 -30.70
CA ARG K 24 23.70 -0.90 -31.78
C ARG K 24 23.26 -0.11 -33.00
N ALA K 25 23.61 1.17 -33.02
CA ALA K 25 23.28 2.02 -34.14
C ALA K 25 21.82 1.88 -34.52
N GLY L 1 -4.10 -2.09 -9.54
CA GLY L 1 -4.59 -0.80 -10.06
C GLY L 1 -3.47 -0.06 -10.77
N SER L 2 -3.65 1.25 -10.94
CA SER L 2 -2.71 2.02 -11.75
C SER L 2 -1.30 2.00 -11.20
N LEU L 3 -1.15 2.20 -9.89
CA LEU L 3 0.22 2.23 -9.36
C LEU L 3 0.88 0.86 -9.45
N GLU L 4 0.11 -0.15 -9.24
CA GLU L 4 0.71 -1.48 -9.29
C GLU L 4 0.98 -1.89 -10.74
N LEU L 5 0.23 -1.47 -11.64
CA LEU L 5 0.55 -1.72 -13.04
C LEU L 5 1.84 -0.97 -13.44
N ILE L 6 1.96 0.28 -13.07
CA ILE L 6 3.18 1.04 -13.32
C ILE L 6 4.42 0.26 -12.79
N LYS L 7 4.38 -0.17 -11.53
CA LYS L 7 5.49 -0.88 -10.92
C LYS L 7 5.79 -2.17 -11.68
N LEU L 8 4.76 -2.91 -12.04
CA LEU L 8 4.95 -4.19 -12.77
C LEU L 8 5.62 -3.91 -14.12
N ARG L 9 5.12 -2.92 -14.86
CA ARG L 9 5.72 -2.61 -16.15
C ARG L 9 7.20 -2.23 -16.03
N ILE L 10 7.56 -1.44 -15.05
CA ILE L 10 8.97 -1.11 -14.84
C ILE L 10 9.80 -2.33 -14.49
N MET L 11 9.27 -3.23 -13.65
CA MET L 11 10.03 -4.45 -13.37
C MET L 11 10.19 -5.34 -14.58
N GLU L 12 9.15 -5.38 -15.41
CA GLU L 12 9.21 -6.14 -16.67
C GLU L 12 10.25 -5.55 -17.63
N ILE L 13 10.21 -4.23 -17.76
CA ILE L 13 11.20 -3.51 -18.56
C ILE L 13 12.61 -3.83 -18.05
N GLU L 14 12.85 -3.80 -16.73
CA GLU L 14 14.17 -4.11 -16.23
C GLU L 14 14.63 -5.52 -16.61
N ALA L 15 13.70 -6.45 -16.49
CA ALA L 15 13.97 -7.84 -16.84
C ALA L 15 14.29 -7.96 -18.34
N ARG L 16 13.53 -7.23 -19.15
CA ARG L 16 13.77 -7.25 -20.62
C ARG L 16 15.14 -6.65 -20.98
N ILE L 17 15.49 -5.54 -20.33
CA ILE L 17 16.79 -4.94 -20.59
C ILE L 17 17.94 -5.86 -20.19
N ALA L 18 17.78 -6.53 -19.05
CA ALA L 18 18.79 -7.48 -18.57
C ALA L 18 19.00 -8.58 -19.60
N LYS L 19 17.92 -9.02 -20.22
CA LYS L 19 18.00 -10.06 -21.23
C LYS L 19 18.64 -9.56 -22.52
N ILE L 20 18.28 -8.35 -22.94
CA ILE L 20 18.84 -7.72 -24.16
C ILE L 20 20.35 -7.66 -24.04
N GLU L 21 20.83 -7.33 -22.86
CA GLU L 21 22.25 -7.43 -22.61
C GLU L 21 22.57 -8.90 -22.35
#